data_6XNN
#
_entry.id   6XNN
#
_cell.length_a   65.680
_cell.length_b   65.680
_cell.length_c   172.577
_cell.angle_alpha   90.000
_cell.angle_beta   90.000
_cell.angle_gamma   90.000
#
_symmetry.space_group_name_H-M   'P 43 21 2'
#
loop_
_entity.id
_entity.type
_entity.pdbx_description
1 polymer 'Stimulator of interferon genes protein'
2 non-polymer '4,5-difluoro-2-{[6-(1H-imidazol-1-yl)pyridazine-3-carbonyl]amino}benzoic acid'
3 water water
#
_entity_poly.entity_id   1
_entity_poly.type   'polypeptide(L)'
_entity_poly.pdbx_seq_one_letter_code
;VAHGLAWSYYIGYLRLILPGLQARIRMFNQLHNNMLSGAGSRRLYILFPLDCGVPDNLSVVDPNIRFRDMLPQQNIDRAG
IKNRVYSNSVYEILENGQPAGVCILEYATPLQTLFAMSQDAKAGFSREDRLEQAKLFCRTLEEILEDVPESRNNCRLIVY
QEPTDGNSFSLSQEVLRHIRQEEKEEV
;
_entity_poly.pdbx_strand_id   A,B
#
# COMPACT_ATOMS: atom_id res chain seq x y z
N ALA A 2 11.26 4.19 -10.23
CA ALA A 2 11.57 5.47 -9.45
C ALA A 2 10.65 6.61 -9.86
N HIS A 3 10.64 6.93 -11.15
CA HIS A 3 9.48 7.61 -11.81
C HIS A 3 8.23 6.83 -11.41
N GLY A 4 8.30 5.51 -11.54
CA GLY A 4 7.22 4.54 -11.22
C GLY A 4 6.82 4.52 -9.75
N LEU A 5 7.78 4.70 -8.83
CA LEU A 5 7.53 4.66 -7.36
C LEU A 5 6.82 5.95 -6.92
N ALA A 6 7.19 7.11 -7.47
CA ALA A 6 6.56 8.43 -7.23
C ALA A 6 5.06 8.37 -7.57
N TRP A 7 4.75 7.95 -8.80
CA TRP A 7 3.37 7.78 -9.32
C TRP A 7 2.63 6.74 -8.50
N SER A 8 3.24 5.58 -8.25
CA SER A 8 2.64 4.49 -7.45
C SER A 8 2.30 4.98 -6.04
N TYR A 9 3.22 5.70 -5.38
CA TYR A 9 3.03 6.23 -4.00
C TYR A 9 1.92 7.29 -4.05
N TYR A 10 1.93 8.18 -5.04
CA TYR A 10 0.89 9.23 -5.11
C TYR A 10 -0.45 8.55 -5.45
N ILE A 11 -0.50 7.75 -6.52
CA ILE A 11 -1.78 7.22 -7.08
C ILE A 11 -2.38 6.21 -6.10
N GLY A 12 -1.55 5.35 -5.51
CA GLY A 12 -2.02 4.18 -4.73
C GLY A 12 -2.17 4.42 -3.22
N TYR A 13 -1.65 5.54 -2.69
CA TYR A 13 -1.75 5.87 -1.24
C TYR A 13 -2.17 7.35 -1.02
N LEU A 14 -1.34 8.34 -1.39
CA LEU A 14 -1.55 9.75 -0.97
C LEU A 14 -2.86 10.29 -1.54
N ARG A 15 -3.19 9.93 -2.78
CA ARG A 15 -4.44 10.35 -3.48
C ARG A 15 -5.63 10.02 -2.60
N LEU A 16 -5.56 8.91 -1.87
CA LEU A 16 -6.68 8.25 -1.17
C LEU A 16 -6.81 8.80 0.24
N ILE A 17 -5.69 9.17 0.87
CA ILE A 17 -5.65 9.44 2.34
C ILE A 17 -5.66 10.95 2.62
N LEU A 18 -5.25 11.82 1.70
CA LEU A 18 -5.12 13.26 2.02
C LEU A 18 -6.49 13.92 2.20
N PRO A 19 -7.52 13.68 1.34
CA PRO A 19 -8.82 14.35 1.49
C PRO A 19 -9.52 14.21 2.85
N GLY A 20 -9.39 13.09 3.54
CA GLY A 20 -10.15 12.84 4.78
C GLY A 20 -9.37 13.28 6.02
N LEU A 21 -8.16 13.78 5.85
CA LEU A 21 -7.18 13.86 6.96
C LEU A 21 -7.63 14.89 7.99
N GLN A 22 -8.05 16.09 7.55
CA GLN A 22 -8.43 17.21 8.46
C GLN A 22 -9.67 16.81 9.26
N ALA A 23 -10.61 16.12 8.61
CA ALA A 23 -11.84 15.62 9.25
C ALA A 23 -11.47 14.64 10.37
N ARG A 24 -10.39 13.87 10.19
CA ARG A 24 -9.89 12.85 11.15
C ARG A 24 -9.12 13.56 12.27
N ILE A 25 -8.35 14.60 11.92
CA ILE A 25 -7.57 15.40 12.91
C ILE A 25 -8.54 16.11 13.84
N ARG A 26 -9.63 16.59 13.27
CA ARG A 26 -10.69 17.31 14.01
C ARG A 26 -11.33 16.35 15.01
N MET A 27 -11.71 15.13 14.61
CA MET A 27 -12.36 14.21 15.57
C MET A 27 -11.32 13.89 16.63
N PHE A 28 -10.09 13.59 16.20
CA PHE A 28 -8.96 13.34 17.11
C PHE A 28 -8.88 14.47 18.14
N ASN A 29 -8.84 15.74 17.69
CA ASN A 29 -8.68 16.92 18.57
C ASN A 29 -9.84 16.97 19.57
N GLN A 30 -11.04 16.62 19.14
CA GLN A 30 -12.27 16.63 19.97
C GLN A 30 -12.16 15.61 21.12
N LEU A 31 -11.40 14.52 20.94
CA LEU A 31 -11.34 13.41 21.95
C LEU A 31 -9.98 13.34 22.66
N HIS A 32 -9.03 14.22 22.33
CA HIS A 32 -7.63 14.19 22.85
C HIS A 32 -7.15 15.60 23.26
N ASN A 33 -8.01 16.37 23.91
CA ASN A 33 -7.76 17.75 24.42
C ASN A 33 -6.89 18.52 23.43
N ASN A 34 -7.35 18.61 22.16
CA ASN A 34 -6.77 19.37 21.02
C ASN A 34 -5.24 19.24 20.99
N MET A 35 -4.76 18.01 21.09
CA MET A 35 -3.32 17.66 21.09
C MET A 35 -2.65 18.19 19.82
N LEU A 36 -3.33 18.11 18.67
CA LEU A 36 -2.82 18.70 17.40
C LEU A 36 -3.40 20.11 17.23
N SER A 37 -3.13 21.01 18.18
CA SER A 37 -3.59 22.43 18.19
C SER A 37 -2.74 23.27 17.21
N GLY A 38 -1.41 23.21 17.29
CA GLY A 38 -0.51 23.94 16.38
C GLY A 38 -0.89 23.78 14.91
N ALA A 39 -0.55 24.77 14.07
CA ALA A 39 -0.68 24.68 12.58
C ALA A 39 0.30 23.62 12.06
N GLY A 40 1.50 23.58 12.63
CA GLY A 40 2.53 22.58 12.29
C GLY A 40 2.05 21.15 12.58
N SER A 41 0.91 20.98 13.26
CA SER A 41 0.45 19.69 13.82
C SER A 41 -0.59 19.00 12.92
N ARG A 42 -1.05 19.66 11.85
CA ARG A 42 -2.21 19.22 11.03
C ARG A 42 -1.77 18.87 9.61
N ARG A 43 -0.55 18.36 9.45
CA ARG A 43 -0.05 17.83 8.16
C ARG A 43 0.27 16.34 8.40
N LEU A 44 0.15 15.51 7.35
CA LEU A 44 0.78 14.16 7.33
C LEU A 44 2.24 14.36 6.94
N TYR A 45 3.18 14.13 7.86
CA TYR A 45 4.62 14.25 7.56
C TYR A 45 5.13 12.88 7.12
N ILE A 46 5.69 12.81 5.90
CA ILE A 46 6.29 11.60 5.27
C ILE A 46 7.82 11.66 5.41
N LEU A 47 8.34 10.76 6.23
CA LEU A 47 9.80 10.57 6.42
C LEU A 47 10.32 9.99 5.12
N PHE A 48 11.28 10.69 4.53
CA PHE A 48 11.86 10.34 3.22
C PHE A 48 13.37 10.22 3.38
N PRO A 49 13.87 9.15 4.05
CA PRO A 49 15.31 8.92 4.18
C PRO A 49 15.83 8.45 2.83
N LEU A 50 16.81 9.18 2.28
CA LEU A 50 17.37 8.91 0.93
C LEU A 50 18.33 7.72 0.99
N ASP A 51 18.78 7.31 2.18
CA ASP A 51 19.57 6.06 2.34
C ASP A 51 18.64 4.84 2.13
N CYS A 52 17.32 5.06 2.01
CA CYS A 52 16.24 4.05 1.85
C CYS A 52 16.21 3.06 3.04
N GLY A 53 16.79 3.43 4.19
CA GLY A 53 16.54 2.76 5.48
C GLY A 53 15.11 3.02 5.94
N VAL A 54 14.24 2.01 5.80
CA VAL A 54 12.82 2.07 6.26
C VAL A 54 12.68 1.05 7.38
N PRO A 55 12.89 1.46 8.66
CA PRO A 55 12.67 0.59 9.80
C PRO A 55 11.20 0.66 10.23
N ASP A 56 10.71 -0.28 11.07
CA ASP A 56 9.26 -0.39 11.35
C ASP A 56 8.86 0.40 12.61
N ASN A 57 9.82 0.85 13.43
CA ASN A 57 9.52 1.47 14.75
C ASN A 57 10.28 2.78 14.94
N LEU A 58 9.57 3.86 15.24
CA LEU A 58 10.16 5.22 15.39
C LEU A 58 10.76 5.43 16.78
N SER A 59 10.16 4.89 17.85
CA SER A 59 10.72 4.93 19.23
C SER A 59 12.07 4.19 19.28
N VAL A 60 12.26 3.19 18.42
CA VAL A 60 13.55 2.42 18.36
C VAL A 60 14.60 3.27 17.64
N VAL A 61 14.24 4.00 16.58
CA VAL A 61 15.23 4.74 15.74
C VAL A 61 15.66 6.00 16.49
N ASP A 62 14.77 6.61 17.26
CA ASP A 62 15.08 7.86 18.00
C ASP A 62 14.22 7.92 19.27
N PRO A 63 14.89 7.97 20.44
CA PRO A 63 14.17 7.88 21.71
C PRO A 63 13.32 9.13 22.02
N ASN A 64 13.55 10.22 21.27
CA ASN A 64 12.84 11.53 21.45
C ASN A 64 11.61 11.61 20.54
N ILE A 65 11.31 10.54 19.78
CA ILE A 65 10.03 10.34 19.04
C ILE A 65 9.26 9.22 19.76
N ARG A 66 8.22 9.61 20.53
CA ARG A 66 7.41 8.69 21.38
C ARG A 66 5.98 8.65 20.82
N PHE A 67 5.48 7.45 20.56
CA PHE A 67 4.07 7.20 20.13
C PHE A 67 3.11 7.72 21.20
N ARG A 68 2.11 8.52 20.83
CA ARG A 68 1.05 9.00 21.75
C ARG A 68 -0.27 8.28 21.46
N ASP A 69 -0.71 8.23 20.21
CA ASP A 69 -2.04 7.66 19.88
C ASP A 69 -2.27 7.56 18.37
N MET A 70 -3.36 6.90 17.97
CA MET A 70 -3.74 6.75 16.55
C MET A 70 -4.75 7.83 16.24
N LEU A 71 -4.71 8.37 15.03
CA LEU A 71 -5.89 9.03 14.45
C LEU A 71 -7.03 8.01 14.40
N PRO A 72 -8.30 8.46 14.41
CA PRO A 72 -9.39 7.58 14.06
C PRO A 72 -9.08 6.98 12.68
N GLN A 73 -9.54 5.76 12.45
CA GLN A 73 -9.30 5.06 11.19
C GLN A 73 -10.21 5.66 10.10
N GLN A 74 -9.81 5.50 8.85
CA GLN A 74 -10.69 5.72 7.68
C GLN A 74 -10.90 4.37 6.98
N ASN A 75 -12.16 4.10 6.66
CA ASN A 75 -12.59 2.87 5.95
C ASN A 75 -12.85 3.22 4.49
N ILE A 76 -12.14 2.57 3.57
CA ILE A 76 -12.24 2.90 2.13
C ILE A 76 -12.41 1.60 1.35
N ASP A 77 -13.38 1.59 0.44
CA ASP A 77 -13.57 0.52 -0.57
C ASP A 77 -12.52 0.75 -1.66
N ARG A 78 -11.55 -0.16 -1.75
CA ARG A 78 -10.29 0.06 -2.51
C ARG A 78 -9.78 -1.25 -3.11
N ALA A 79 -9.92 -1.39 -4.43
CA ALA A 79 -9.32 -2.46 -5.27
C ALA A 79 -9.74 -3.84 -4.76
N GLY A 80 -11.03 -3.99 -4.41
CA GLY A 80 -11.63 -5.28 -4.00
C GLY A 80 -11.57 -5.53 -2.50
N ILE A 81 -10.91 -4.67 -1.73
CA ILE A 81 -10.96 -4.72 -0.24
C ILE A 81 -12.18 -3.90 0.17
N LYS A 82 -13.18 -4.54 0.77
CA LYS A 82 -14.33 -3.82 1.34
C LYS A 82 -13.85 -3.21 2.67
N ASN A 83 -14.06 -1.90 2.83
CA ASN A 83 -13.64 -1.12 4.03
C ASN A 83 -12.18 -1.44 4.35
N ARG A 84 -11.27 -1.27 3.40
CA ARG A 84 -9.82 -1.26 3.70
C ARG A 84 -9.55 -0.23 4.82
N VAL A 85 -8.70 -0.57 5.79
CA VAL A 85 -8.46 0.21 7.03
C VAL A 85 -7.17 1.01 6.88
N TYR A 86 -7.29 2.33 6.93
CA TYR A 86 -6.17 3.28 6.94
C TYR A 86 -6.03 3.82 8.35
N SER A 87 -4.82 3.75 8.89
CA SER A 87 -4.47 4.31 10.21
C SER A 87 -3.28 5.25 10.05
N ASN A 88 -3.12 6.16 10.99
CA ASN A 88 -1.95 7.06 11.08
C ASN A 88 -1.68 7.29 12.56
N SER A 89 -0.40 7.38 12.88
CA SER A 89 0.16 7.44 14.24
C SER A 89 0.56 8.89 14.56
N VAL A 90 0.14 9.36 15.74
CA VAL A 90 0.57 10.66 16.31
C VAL A 90 1.70 10.38 17.31
N TYR A 91 2.72 11.22 17.25
CA TYR A 91 3.98 11.14 18.03
C TYR A 91 4.24 12.49 18.70
N GLU A 92 4.64 12.49 19.96
CA GLU A 92 5.24 13.66 20.63
C GLU A 92 6.74 13.63 20.30
N ILE A 93 7.28 14.78 19.88
CA ILE A 93 8.74 14.96 19.57
C ILE A 93 9.39 15.67 20.77
N LEU A 94 10.30 14.99 21.47
CA LEU A 94 10.98 15.54 22.67
C LEU A 94 12.18 16.40 22.26
N GLU A 95 12.47 17.40 23.09
CA GLU A 95 13.66 18.27 23.05
C GLU A 95 14.14 18.40 24.50
N ASN A 96 15.35 17.93 24.80
CA ASN A 96 15.92 18.00 26.16
C ASN A 96 14.98 17.28 27.14
N GLY A 97 14.55 16.07 26.78
CA GLY A 97 13.73 15.19 27.64
C GLY A 97 12.30 15.67 27.79
N GLN A 98 11.91 16.81 27.20
CA GLN A 98 10.57 17.45 27.41
C GLN A 98 9.82 17.61 26.09
N PRO A 99 8.53 17.16 26.03
CA PRO A 99 7.66 17.36 24.87
C PRO A 99 7.69 18.77 24.25
N ALA A 100 7.98 18.85 22.95
CA ALA A 100 8.16 20.11 22.17
C ALA A 100 7.19 20.19 20.99
N GLY A 101 6.76 19.04 20.45
CA GLY A 101 5.90 18.97 19.27
C GLY A 101 5.06 17.71 19.25
N VAL A 102 3.96 17.76 18.50
CA VAL A 102 3.03 16.62 18.22
C VAL A 102 2.84 16.62 16.71
N CYS A 103 2.80 15.47 16.06
CA CYS A 103 2.57 15.42 14.61
C CYS A 103 2.32 13.99 14.12
N ILE A 104 1.74 13.90 12.94
CA ILE A 104 1.44 12.62 12.26
C ILE A 104 2.66 12.29 11.41
N LEU A 105 3.21 11.09 11.60
CA LEU A 105 4.56 10.70 11.14
C LEU A 105 4.52 9.26 10.62
N GLU A 106 5.02 9.06 9.41
CA GLU A 106 5.26 7.70 8.85
C GLU A 106 6.27 7.80 7.72
N TYR A 107 6.90 6.69 7.38
CA TYR A 107 7.91 6.54 6.30
C TYR A 107 7.20 6.33 4.98
N ALA A 108 7.80 6.80 3.88
CA ALA A 108 7.41 6.46 2.49
C ALA A 108 7.86 5.02 2.18
N THR A 109 6.97 4.04 2.46
CA THR A 109 7.19 2.58 2.34
C THR A 109 7.90 2.16 1.05
N PRO A 110 7.56 2.72 -0.13
CA PRO A 110 8.07 2.16 -1.39
C PRO A 110 9.59 2.31 -1.56
N LEU A 111 10.22 3.19 -0.77
CA LEU A 111 11.70 3.30 -0.67
C LEU A 111 12.29 1.93 -0.31
N GLN A 112 11.54 1.08 0.38
CA GLN A 112 12.03 -0.27 0.76
C GLN A 112 12.39 -1.05 -0.51
N THR A 113 11.70 -0.76 -1.62
CA THR A 113 11.93 -1.37 -2.95
C THR A 113 13.36 -1.06 -3.44
N LEU A 114 13.75 0.21 -3.43
CA LEU A 114 15.10 0.67 -3.85
C LEU A 114 16.14 -0.02 -2.96
N PHE A 115 15.84 -0.14 -1.66
CA PHE A 115 16.76 -0.79 -0.70
C PHE A 115 16.97 -2.25 -1.14
N ALA A 116 15.90 -3.07 -1.14
CA ALA A 116 15.97 -4.50 -1.53
C ALA A 116 16.68 -4.64 -2.87
N MET A 117 16.39 -3.78 -3.84
CA MET A 117 17.03 -3.80 -5.18
C MET A 117 18.54 -3.59 -5.06
N SER A 118 18.97 -2.69 -4.18
CA SER A 118 20.39 -2.38 -3.91
C SER A 118 21.07 -3.62 -3.31
N GLN A 119 20.34 -4.40 -2.52
CA GLN A 119 20.83 -5.64 -1.85
C GLN A 119 20.75 -6.84 -2.79
N ASP A 120 20.15 -6.71 -3.99
CA ASP A 120 19.98 -7.83 -4.94
C ASP A 120 21.27 -8.01 -5.75
N ALA A 121 21.86 -9.19 -5.63
CA ALA A 121 23.12 -9.60 -6.28
C ALA A 121 22.95 -9.61 -7.80
N LYS A 122 21.77 -9.97 -8.33
CA LYS A 122 21.51 -10.02 -9.81
C LYS A 122 21.19 -8.62 -10.38
N ALA A 123 20.60 -7.73 -9.59
CA ALA A 123 20.24 -6.35 -10.00
C ALA A 123 21.49 -5.56 -10.38
N GLY A 124 22.62 -5.75 -9.68
CA GLY A 124 23.84 -4.95 -9.92
C GLY A 124 23.56 -3.48 -9.68
N PHE A 125 22.94 -3.18 -8.55
CA PHE A 125 22.37 -1.85 -8.25
C PHE A 125 23.11 -1.33 -7.02
N SER A 126 24.02 -0.37 -7.21
CA SER A 126 24.97 0.11 -6.17
C SER A 126 24.27 1.10 -5.23
N ARG A 127 24.96 1.47 -4.15
CA ARG A 127 24.44 2.45 -3.15
C ARG A 127 24.39 3.84 -3.80
N GLU A 128 25.30 4.12 -4.74
CA GLU A 128 25.42 5.43 -5.41
C GLU A 128 24.25 5.59 -6.38
N ASP A 129 23.90 4.51 -7.09
CA ASP A 129 22.76 4.39 -8.04
C ASP A 129 21.42 4.51 -7.28
N ARG A 130 21.32 3.93 -6.08
CA ARG A 130 20.12 3.92 -5.21
C ARG A 130 19.80 5.36 -4.77
N LEU A 131 20.82 6.09 -4.32
CA LEU A 131 20.71 7.49 -3.82
C LEU A 131 20.13 8.37 -4.95
N GLU A 132 20.61 8.19 -6.18
CA GLU A 132 20.19 8.96 -7.39
C GLU A 132 18.71 8.64 -7.70
N GLN A 133 18.28 7.40 -7.51
CA GLN A 133 16.87 6.97 -7.70
C GLN A 133 16.02 7.58 -6.57
N ALA A 134 16.47 7.47 -5.31
CA ALA A 134 15.80 8.06 -4.13
C ALA A 134 15.51 9.54 -4.40
N LYS A 135 16.50 10.26 -4.93
CA LYS A 135 16.41 11.73 -5.20
C LYS A 135 15.42 11.97 -6.34
N LEU A 136 15.37 11.05 -7.30
CA LEU A 136 14.51 11.17 -8.51
C LEU A 136 13.07 10.88 -8.10
N PHE A 137 12.90 9.87 -7.24
CA PHE A 137 11.62 9.51 -6.59
C PHE A 137 11.09 10.74 -5.85
N CYS A 138 11.85 11.23 -4.87
CA CYS A 138 11.57 12.47 -4.12
C CYS A 138 11.13 13.56 -5.10
N ARG A 139 11.97 13.90 -6.09
CA ARG A 139 11.76 15.06 -6.97
C ARG A 139 10.46 14.87 -7.76
N THR A 140 10.27 13.70 -8.39
CA THR A 140 9.07 13.40 -9.21
C THR A 140 7.84 13.40 -8.31
N LEU A 141 7.98 13.00 -7.04
CA LEU A 141 6.87 13.05 -6.07
C LEU A 141 6.56 14.51 -5.75
N GLU A 142 7.58 15.35 -5.56
CA GLU A 142 7.42 16.80 -5.27
C GLU A 142 6.67 17.46 -6.43
N GLU A 143 7.02 17.10 -7.66
CA GLU A 143 6.40 17.63 -8.90
C GLU A 143 4.93 17.22 -8.99
N ILE A 144 4.59 15.97 -8.67
CA ILE A 144 3.18 15.51 -8.62
C ILE A 144 2.42 16.32 -7.56
N LEU A 145 2.99 16.50 -6.35
CA LEU A 145 2.27 17.07 -5.19
C LEU A 145 2.01 18.59 -5.34
N GLU A 146 2.92 19.35 -5.95
CA GLU A 146 2.73 20.81 -6.12
C GLU A 146 1.50 21.05 -7.03
N ASP A 147 1.16 20.07 -7.87
CA ASP A 147 0.24 20.16 -9.04
C ASP A 147 -1.18 19.70 -8.63
N VAL A 148 -1.40 19.56 -7.33
CA VAL A 148 -2.60 18.94 -6.68
C VAL A 148 -2.95 19.83 -5.49
N PRO A 149 -4.20 20.32 -5.34
CA PRO A 149 -4.52 21.31 -4.32
C PRO A 149 -4.43 20.68 -2.92
N GLU A 150 -4.88 19.42 -2.81
CA GLU A 150 -5.01 18.67 -1.52
C GLU A 150 -3.64 18.54 -0.83
N SER A 151 -2.51 18.81 -1.50
CA SER A 151 -1.14 18.70 -0.93
C SER A 151 -0.82 19.92 -0.03
N ARG A 152 -1.33 21.10 -0.40
CA ARG A 152 -0.86 22.41 0.14
C ARG A 152 -0.83 22.36 1.67
N ASN A 153 -1.94 22.01 2.33
CA ASN A 153 -2.06 22.07 3.81
C ASN A 153 -2.14 20.67 4.43
N ASN A 154 -1.95 19.59 3.67
CA ASN A 154 -2.23 18.21 4.16
C ASN A 154 -0.96 17.36 4.19
N CYS A 155 0.09 17.77 3.49
CA CYS A 155 1.22 16.86 3.20
C CYS A 155 2.57 17.59 3.15
N ARG A 156 3.56 17.05 3.85
CA ARG A 156 4.96 17.58 3.89
C ARG A 156 5.94 16.40 3.81
N LEU A 157 6.87 16.46 2.85
CA LEU A 157 8.02 15.53 2.69
C LEU A 157 9.18 15.99 3.58
N ILE A 158 9.63 15.13 4.48
CA ILE A 158 10.90 15.31 5.25
C ILE A 158 11.97 14.40 4.61
N VAL A 159 12.78 15.02 3.75
CA VAL A 159 13.87 14.40 2.96
C VAL A 159 15.19 14.66 3.70
N TYR A 160 15.94 13.61 4.01
CA TYR A 160 17.21 13.74 4.76
C TYR A 160 18.24 12.72 4.25
N GLN A 161 19.53 13.09 4.31
CA GLN A 161 20.69 12.22 3.99
C GLN A 161 21.42 11.84 5.28
N GLU A 162 20.90 10.91 6.08
CA GLU A 162 21.55 10.49 7.36
C GLU A 162 22.83 9.75 7.01
N PRO A 163 24.01 10.27 7.44
CA PRO A 163 25.30 9.63 7.17
C PRO A 163 25.32 8.15 7.62
N THR A 164 26.23 7.39 7.01
CA THR A 164 26.33 5.90 7.12
C THR A 164 26.51 5.50 8.58
N ASP A 165 27.45 6.13 9.29
CA ASP A 165 27.79 5.87 10.72
C ASP A 165 27.85 7.21 11.47
N GLY A 166 28.01 7.16 12.79
CA GLY A 166 27.99 8.34 13.69
C GLY A 166 26.60 8.61 14.24
N ASN A 167 26.43 9.69 15.01
CA ASN A 167 25.16 10.03 15.70
C ASN A 167 24.89 11.54 15.58
N SER A 168 25.53 12.21 14.62
CA SER A 168 25.47 13.68 14.46
C SER A 168 24.09 14.11 13.93
N PHE A 169 23.31 13.15 13.40
CA PHE A 169 21.97 13.37 12.84
C PHE A 169 20.88 13.00 13.86
N SER A 170 20.06 13.99 14.23
CA SER A 170 18.86 13.85 15.08
C SER A 170 17.60 13.92 14.20
N LEU A 171 16.92 12.79 14.01
CA LEU A 171 15.62 12.71 13.28
C LEU A 171 14.62 13.62 14.00
N SER A 172 14.58 13.52 15.33
CA SER A 172 13.68 14.33 16.20
C SER A 172 13.78 15.81 15.78
N GLN A 173 15.00 16.35 15.69
CA GLN A 173 15.28 17.80 15.43
C GLN A 173 14.97 18.15 13.98
N GLU A 174 15.27 17.24 13.04
CA GLU A 174 14.82 17.35 11.62
C GLU A 174 13.30 17.54 11.57
N VAL A 175 12.56 16.74 12.36
CA VAL A 175 11.08 16.74 12.40
C VAL A 175 10.61 18.04 13.05
N LEU A 176 11.32 18.49 14.09
CA LEU A 176 10.96 19.74 14.82
C LEU A 176 11.27 20.94 13.92
N ARG A 177 12.30 20.86 13.07
CA ARG A 177 12.57 21.90 12.03
C ARG A 177 11.31 22.12 11.18
N HIS A 178 10.89 21.10 10.41
CA HIS A 178 9.74 21.11 9.46
C HIS A 178 8.44 21.53 10.17
N ILE A 179 8.23 21.05 11.40
CA ILE A 179 7.03 21.33 12.26
C ILE A 179 6.86 22.85 12.49
N ARG A 180 7.96 23.60 12.67
CA ARG A 180 7.96 25.05 13.04
C ARG A 180 7.92 25.93 11.78
N GLN A 181 8.45 25.44 10.65
CA GLN A 181 8.47 26.19 9.35
C GLN A 181 7.06 26.34 8.80
N ALA B 2 7.89 -1.18 -15.01
CA ALA B 2 7.05 -2.42 -14.74
C ALA B 2 7.81 -3.42 -13.87
N HIS B 3 9.12 -3.53 -14.09
CA HIS B 3 10.03 -4.30 -13.20
C HIS B 3 9.90 -3.76 -11.78
N GLY B 4 9.94 -2.43 -11.65
CA GLY B 4 9.96 -1.73 -10.35
C GLY B 4 8.66 -1.93 -9.58
N LEU B 5 7.54 -2.06 -10.29
CA LEU B 5 6.18 -2.21 -9.70
C LEU B 5 6.05 -3.61 -9.11
N ALA B 6 6.50 -4.63 -9.84
CA ALA B 6 6.48 -6.05 -9.42
C ALA B 6 7.25 -6.21 -8.11
N TRP B 7 8.55 -5.87 -8.08
CA TRP B 7 9.38 -5.85 -6.84
C TRP B 7 8.60 -5.12 -5.74
N SER B 8 8.21 -3.88 -6.05
CA SER B 8 7.59 -2.93 -5.10
C SER B 8 6.37 -3.59 -4.43
N TYR B 9 5.50 -4.22 -5.23
CA TYR B 9 4.23 -4.86 -4.82
C TYR B 9 4.53 -6.07 -3.93
N TYR B 10 5.45 -6.93 -4.40
CA TYR B 10 5.90 -8.10 -3.61
C TYR B 10 6.45 -7.59 -2.27
N ILE B 11 7.37 -6.64 -2.30
CA ILE B 11 8.09 -6.15 -1.09
C ILE B 11 7.15 -5.30 -0.22
N GLY B 12 6.29 -4.51 -0.84
CA GLY B 12 5.43 -3.56 -0.09
C GLY B 12 4.21 -4.21 0.52
N TYR B 13 3.84 -5.41 0.08
CA TYR B 13 2.55 -6.05 0.45
C TYR B 13 2.66 -7.57 0.59
N LEU B 14 2.77 -8.31 -0.53
CA LEU B 14 2.67 -9.80 -0.56
C LEU B 14 3.64 -10.42 0.47
N ARG B 15 4.90 -9.97 0.51
CA ARG B 15 5.93 -10.34 1.53
C ARG B 15 5.35 -10.23 2.96
N LEU B 16 4.48 -9.25 3.22
CA LEU B 16 4.04 -8.89 4.61
C LEU B 16 2.77 -9.68 4.96
N ILE B 17 1.89 -9.97 3.99
CA ILE B 17 0.51 -10.51 4.24
C ILE B 17 0.53 -12.04 4.10
N LEU B 18 1.18 -12.58 3.08
CA LEU B 18 1.19 -14.05 2.78
C LEU B 18 1.59 -14.87 3.99
N PRO B 19 2.72 -14.59 4.69
CA PRO B 19 3.19 -15.46 5.76
C PRO B 19 2.08 -15.86 6.76
N GLY B 20 1.41 -14.86 7.33
CA GLY B 20 0.41 -14.99 8.40
C GLY B 20 -0.99 -15.27 7.89
N LEU B 21 -1.18 -15.58 6.60
CA LEU B 21 -2.53 -15.71 5.99
C LEU B 21 -3.25 -17.00 6.44
N GLN B 22 -2.56 -18.15 6.52
CA GLN B 22 -3.22 -19.45 6.83
C GLN B 22 -3.77 -19.41 8.27
N ALA B 23 -2.96 -18.98 9.24
CA ALA B 23 -3.38 -18.69 10.64
C ALA B 23 -4.71 -17.91 10.69
N ARG B 24 -4.90 -16.95 9.77
CA ARG B 24 -6.10 -16.06 9.73
C ARG B 24 -7.29 -16.83 9.14
N ILE B 25 -7.05 -17.70 8.15
CA ILE B 25 -8.08 -18.62 7.58
C ILE B 25 -8.48 -19.62 8.69
N ARG B 26 -7.49 -20.16 9.42
CA ARG B 26 -7.72 -21.13 10.53
C ARG B 26 -8.84 -20.60 11.41
N MET B 27 -8.61 -19.43 11.99
CA MET B 27 -9.56 -18.80 12.94
C MET B 27 -10.88 -18.48 12.23
N PHE B 28 -10.81 -18.03 10.98
CA PHE B 28 -12.05 -17.66 10.22
C PHE B 28 -12.97 -18.89 10.15
N ASN B 29 -12.43 -20.05 9.77
CA ASN B 29 -13.20 -21.31 9.61
C ASN B 29 -13.80 -21.70 10.97
N GLN B 30 -13.00 -21.70 12.05
CA GLN B 30 -13.46 -21.99 13.43
C GLN B 30 -14.72 -21.20 13.77
N LEU B 31 -14.79 -19.91 13.40
CA LEU B 31 -15.86 -18.97 13.85
C LEU B 31 -16.97 -18.82 12.80
N HIS B 32 -16.76 -19.30 11.56
CA HIS B 32 -17.74 -19.17 10.45
C HIS B 32 -18.02 -20.54 9.81
N ASN B 33 -18.09 -21.60 10.61
CA ASN B 33 -18.52 -22.97 10.19
C ASN B 33 -17.87 -23.33 8.86
N ASN B 34 -16.54 -23.25 8.81
CA ASN B 34 -15.64 -23.75 7.73
C ASN B 34 -16.15 -23.37 6.34
N MET B 35 -16.58 -22.11 6.19
CA MET B 35 -16.89 -21.46 4.89
C MET B 35 -15.77 -21.75 3.88
N LEU B 36 -14.51 -21.61 4.30
CA LEU B 36 -13.32 -21.77 3.43
C LEU B 36 -12.76 -23.18 3.60
N SER B 37 -13.48 -24.17 3.07
CA SER B 37 -13.18 -25.61 3.26
C SER B 37 -12.23 -26.10 2.16
N GLY B 38 -12.68 -26.10 0.90
CA GLY B 38 -11.82 -26.47 -0.24
C GLY B 38 -10.50 -25.74 -0.18
N ALA B 39 -9.37 -26.47 -0.08
CA ALA B 39 -8.00 -25.90 -0.01
C ALA B 39 -7.82 -24.87 -1.11
N GLY B 40 -8.54 -25.03 -2.24
CA GLY B 40 -8.62 -24.08 -3.36
C GLY B 40 -9.03 -22.67 -2.93
N SER B 41 -9.77 -22.56 -1.83
CA SER B 41 -10.30 -21.30 -1.26
C SER B 41 -9.56 -20.92 0.02
N ARG B 42 -8.47 -21.61 0.34
CA ARG B 42 -7.54 -21.22 1.42
C ARG B 42 -6.37 -20.45 0.79
N ARG B 43 -6.59 -19.89 -0.40
CA ARG B 43 -5.60 -19.08 -1.17
C ARG B 43 -6.12 -17.65 -1.36
N LEU B 44 -5.20 -16.69 -1.55
CA LEU B 44 -5.48 -15.27 -1.89
C LEU B 44 -5.49 -15.11 -3.41
N TYR B 45 -6.57 -14.58 -3.97
CA TYR B 45 -6.75 -14.41 -5.43
C TYR B 45 -6.54 -12.93 -5.79
N ILE B 46 -5.39 -12.69 -6.43
CA ILE B 46 -4.97 -11.35 -6.95
C ILE B 46 -5.48 -11.21 -8.38
N LEU B 47 -6.55 -10.44 -8.55
CA LEU B 47 -7.10 -10.01 -9.87
C LEU B 47 -6.07 -9.12 -10.55
N PHE B 48 -5.62 -9.53 -11.74
CA PHE B 48 -4.53 -8.87 -12.50
C PHE B 48 -5.06 -8.49 -13.87
N PRO B 49 -6.04 -7.56 -13.97
CA PRO B 49 -6.56 -7.14 -15.27
C PRO B 49 -5.48 -6.39 -16.04
N LEU B 50 -5.20 -6.81 -17.28
CA LEU B 50 -4.17 -6.14 -18.13
C LEU B 50 -4.81 -4.90 -18.75
N ASP B 51 -6.15 -4.85 -18.78
CA ASP B 51 -7.02 -3.65 -18.74
C ASP B 51 -6.29 -2.47 -18.04
N CYS B 52 -5.67 -2.76 -16.88
CA CYS B 52 -5.10 -1.77 -15.91
C CYS B 52 -6.22 -0.93 -15.27
N GLY B 53 -7.48 -1.35 -15.43
CA GLY B 53 -8.62 -0.85 -14.63
C GLY B 53 -8.64 -1.50 -13.26
N VAL B 54 -8.76 -0.68 -12.20
CA VAL B 54 -8.81 -1.14 -10.78
C VAL B 54 -10.02 -0.47 -10.13
N PRO B 55 -11.22 -1.04 -10.32
CA PRO B 55 -12.40 -0.63 -9.57
C PRO B 55 -12.30 -0.96 -8.08
N ASP B 56 -13.12 -0.29 -7.27
CA ASP B 56 -13.11 -0.34 -5.79
C ASP B 56 -14.04 -1.43 -5.28
N ASN B 57 -15.20 -1.58 -5.91
CA ASN B 57 -16.30 -2.48 -5.46
C ASN B 57 -16.56 -3.55 -6.54
N LEU B 58 -16.30 -4.81 -6.19
CA LEU B 58 -16.47 -5.98 -7.10
C LEU B 58 -17.95 -6.26 -7.36
N SER B 59 -18.81 -6.12 -6.35
CA SER B 59 -20.28 -6.25 -6.48
C SER B 59 -20.84 -5.23 -7.48
N VAL B 60 -20.18 -4.08 -7.67
CA VAL B 60 -20.62 -3.01 -8.61
C VAL B 60 -20.15 -3.37 -10.02
N VAL B 61 -18.92 -3.86 -10.20
CA VAL B 61 -18.41 -4.28 -11.54
C VAL B 61 -19.29 -5.43 -12.02
N ASP B 62 -19.62 -6.39 -11.14
CA ASP B 62 -20.44 -7.58 -11.44
C ASP B 62 -21.28 -7.95 -10.21
N PRO B 63 -22.63 -7.83 -10.26
CA PRO B 63 -23.49 -8.18 -9.13
C PRO B 63 -23.47 -9.63 -8.62
N ASN B 64 -22.79 -10.53 -9.33
CA ASN B 64 -22.75 -11.99 -8.99
C ASN B 64 -21.59 -12.29 -8.03
N ILE B 65 -20.74 -11.30 -7.73
CA ILE B 65 -19.69 -11.36 -6.66
C ILE B 65 -20.28 -10.72 -5.40
N ARG B 66 -21.04 -11.49 -4.61
CA ARG B 66 -21.57 -11.04 -3.29
C ARG B 66 -20.40 -10.98 -2.31
N PHE B 67 -20.36 -9.94 -1.50
CA PHE B 67 -19.46 -9.85 -0.33
C PHE B 67 -20.13 -10.60 0.82
N ARG B 68 -19.45 -11.52 1.49
CA ARG B 68 -20.05 -12.29 2.62
C ARG B 68 -19.42 -11.89 3.96
N ASP B 69 -18.09 -11.81 4.08
CA ASP B 69 -17.44 -11.51 5.37
C ASP B 69 -16.01 -11.03 5.13
N MET B 70 -15.40 -10.38 6.13
CA MET B 70 -13.96 -10.06 6.19
C MET B 70 -13.27 -11.27 6.82
N LEU B 71 -12.02 -11.52 6.46
CA LEU B 71 -11.09 -12.30 7.33
C LEU B 71 -10.99 -11.56 8.65
N PRO B 72 -10.40 -12.21 9.65
CA PRO B 72 -9.89 -11.50 10.82
C PRO B 72 -8.80 -10.51 10.37
N GLN B 73 -8.80 -9.31 10.97
CA GLN B 73 -7.75 -8.30 10.76
C GLN B 73 -6.41 -8.83 11.28
N GLN B 74 -5.31 -8.53 10.58
CA GLN B 74 -3.92 -8.68 11.08
C GLN B 74 -3.26 -7.29 11.23
N ASN B 75 -2.75 -7.01 12.42
CA ASN B 75 -1.99 -5.79 12.80
C ASN B 75 -0.48 -6.05 12.71
N ILE B 76 0.23 -5.32 11.84
CA ILE B 76 1.71 -5.37 11.66
C ILE B 76 2.29 -3.99 12.02
N ASP B 77 3.42 -3.93 12.75
CA ASP B 77 4.20 -2.68 12.93
C ASP B 77 5.04 -2.49 11.66
N ARG B 78 4.68 -1.46 10.88
CA ARG B 78 5.17 -1.23 9.50
C ARG B 78 5.47 0.26 9.32
N ALA B 79 6.75 0.58 9.09
CA ALA B 79 7.26 1.88 8.61
C ALA B 79 6.59 3.05 9.33
N GLY B 80 6.76 3.17 10.65
CA GLY B 80 6.34 4.35 11.43
C GLY B 80 4.83 4.41 11.64
N ILE B 81 4.12 3.37 11.20
CA ILE B 81 2.73 3.07 11.64
C ILE B 81 2.86 1.97 12.71
N LYS B 82 2.34 2.24 13.91
CA LYS B 82 2.18 1.24 14.99
C LYS B 82 0.84 0.54 14.73
N ASN B 83 0.86 -0.75 14.42
CA ASN B 83 -0.37 -1.54 14.19
C ASN B 83 -1.09 -1.02 12.93
N ARG B 84 -0.41 -1.05 11.78
CA ARG B 84 -1.04 -1.02 10.44
C ARG B 84 -1.99 -2.21 10.30
N VAL B 85 -3.20 -1.95 9.79
CA VAL B 85 -4.35 -2.89 9.77
C VAL B 85 -4.54 -3.44 8.35
N TYR B 86 -4.40 -4.76 8.20
CA TYR B 86 -4.74 -5.54 6.98
C TYR B 86 -6.10 -6.24 7.22
N SER B 87 -7.15 -5.73 6.56
CA SER B 87 -8.49 -6.33 6.38
C SER B 87 -8.52 -7.02 5.00
N ASN B 88 -8.94 -8.28 4.89
CA ASN B 88 -9.14 -8.97 3.58
C ASN B 88 -10.60 -9.45 3.50
N SER B 89 -11.20 -9.32 2.31
CA SER B 89 -12.64 -9.56 2.05
C SER B 89 -12.83 -10.95 1.46
N VAL B 90 -13.82 -11.69 1.97
CA VAL B 90 -14.25 -13.01 1.44
C VAL B 90 -15.52 -12.79 0.63
N TYR B 91 -15.53 -13.36 -0.57
CA TYR B 91 -16.63 -13.21 -1.54
C TYR B 91 -17.21 -14.59 -1.86
N GLU B 92 -18.53 -14.62 -2.02
CA GLU B 92 -19.32 -15.68 -2.69
C GLU B 92 -19.52 -15.28 -4.17
N ILE B 93 -19.18 -16.18 -5.11
CA ILE B 93 -19.44 -16.00 -6.56
C ILE B 93 -20.72 -16.78 -6.92
N LEU B 94 -21.69 -16.12 -7.54
CA LEU B 94 -23.01 -16.73 -7.86
C LEU B 94 -23.08 -17.12 -9.35
N GLU B 95 -23.87 -18.14 -9.65
CA GLU B 95 -24.18 -18.60 -11.03
C GLU B 95 -25.67 -18.91 -11.14
N ASN B 96 -26.40 -18.06 -11.87
CA ASN B 96 -27.86 -18.21 -12.15
C ASN B 96 -28.66 -18.15 -10.84
N GLY B 97 -28.12 -17.47 -9.83
CA GLY B 97 -28.73 -17.30 -8.49
C GLY B 97 -28.09 -18.17 -7.44
N GLN B 98 -27.25 -19.14 -7.84
CA GLN B 98 -26.76 -20.22 -6.95
C GLN B 98 -25.33 -19.97 -6.52
N PRO B 99 -25.00 -20.15 -5.22
CA PRO B 99 -23.64 -19.96 -4.72
C PRO B 99 -22.69 -21.02 -5.29
N ALA B 100 -21.87 -20.62 -6.27
CA ALA B 100 -20.99 -21.50 -7.06
C ALA B 100 -19.56 -21.50 -6.50
N GLY B 101 -19.29 -20.73 -5.44
CA GLY B 101 -17.91 -20.57 -4.90
C GLY B 101 -17.80 -19.50 -3.81
N VAL B 102 -16.71 -19.59 -3.03
CA VAL B 102 -16.30 -18.61 -1.98
C VAL B 102 -14.77 -18.46 -2.04
N CYS B 103 -14.27 -17.22 -2.11
CA CYS B 103 -12.80 -16.97 -2.18
C CYS B 103 -12.41 -15.58 -1.67
N ILE B 104 -11.10 -15.43 -1.41
CA ILE B 104 -10.43 -14.18 -0.96
C ILE B 104 -9.91 -13.46 -2.20
N LEU B 105 -10.57 -12.36 -2.55
CA LEU B 105 -10.40 -11.61 -3.82
C LEU B 105 -9.91 -10.20 -3.50
N GLU B 106 -8.84 -9.73 -4.17
CA GLU B 106 -8.46 -8.30 -4.30
C GLU B 106 -7.73 -8.09 -5.62
N TYR B 107 -7.62 -6.83 -6.08
CA TYR B 107 -6.83 -6.41 -7.26
C TYR B 107 -5.39 -6.09 -6.84
N ALA B 108 -4.43 -6.27 -7.75
CA ALA B 108 -3.05 -5.77 -7.61
C ALA B 108 -3.06 -4.28 -7.89
N THR B 109 -2.89 -3.45 -6.85
CA THR B 109 -3.16 -1.99 -6.88
C THR B 109 -2.15 -1.27 -7.77
N PRO B 110 -0.85 -1.63 -7.78
CA PRO B 110 0.11 -0.91 -8.61
C PRO B 110 -0.27 -0.85 -10.09
N LEU B 111 -1.20 -1.69 -10.56
CA LEU B 111 -1.65 -1.66 -11.98
C LEU B 111 -2.21 -0.28 -12.31
N GLN B 112 -2.89 0.37 -11.38
CA GLN B 112 -3.42 1.74 -11.61
C GLN B 112 -2.26 2.67 -11.96
N THR B 113 -1.07 2.42 -11.43
CA THR B 113 0.11 3.26 -11.74
C THR B 113 0.33 3.25 -13.25
N LEU B 114 0.30 2.07 -13.88
CA LEU B 114 0.51 1.94 -15.35
C LEU B 114 -0.55 2.76 -16.09
N PHE B 115 -1.79 2.75 -15.59
CA PHE B 115 -2.89 3.50 -16.22
C PHE B 115 -2.62 4.99 -16.11
N ALA B 116 -2.47 5.49 -14.86
CA ALA B 116 -2.17 6.89 -14.54
C ALA B 116 -1.00 7.36 -15.42
N MET B 117 0.12 6.62 -15.42
CA MET B 117 1.36 6.97 -16.15
C MET B 117 1.13 6.92 -17.66
N SER B 118 0.33 5.98 -18.18
CA SER B 118 -0.02 5.93 -19.62
C SER B 118 -0.67 7.26 -20.05
N GLN B 119 -1.40 7.94 -19.15
CA GLN B 119 -2.21 9.14 -19.46
C GLN B 119 -1.41 10.43 -19.28
N ASP B 120 -0.20 10.37 -18.71
CA ASP B 120 0.63 11.56 -18.43
C ASP B 120 1.00 12.21 -19.77
N ALA B 121 0.86 13.53 -19.88
CA ALA B 121 1.07 14.31 -21.13
C ALA B 121 2.56 14.35 -21.52
N LYS B 122 3.47 14.16 -20.55
CA LYS B 122 4.93 14.39 -20.69
C LYS B 122 5.63 13.07 -21.05
N ALA B 123 5.37 12.01 -20.27
CA ALA B 123 6.02 10.68 -20.38
C ALA B 123 4.94 9.61 -20.64
N GLY B 124 3.83 9.99 -21.28
CA GLY B 124 2.71 9.09 -21.57
C GLY B 124 3.08 8.03 -22.58
N PHE B 125 2.18 7.07 -22.80
CA PHE B 125 2.35 5.98 -23.79
C PHE B 125 0.98 5.39 -24.15
N SER B 126 0.96 4.54 -25.18
CA SER B 126 -0.24 4.00 -25.84
C SER B 126 -0.79 2.82 -25.03
N ARG B 127 -2.06 2.50 -25.28
CA ARG B 127 -2.79 1.35 -24.69
C ARG B 127 -2.00 0.07 -24.95
N GLU B 128 -1.38 -0.06 -26.12
CA GLU B 128 -0.64 -1.29 -26.54
C GLU B 128 0.70 -1.34 -25.78
N ASP B 129 1.40 -0.21 -25.60
CA ASP B 129 2.65 -0.16 -24.78
C ASP B 129 2.31 -0.49 -23.32
N ARG B 130 1.18 0.03 -22.83
CA ARG B 130 0.66 -0.25 -21.46
C ARG B 130 0.34 -1.73 -21.30
N LEU B 131 -0.20 -2.37 -22.33
CA LEU B 131 -0.51 -3.83 -22.32
C LEU B 131 0.79 -4.61 -22.16
N GLU B 132 1.85 -4.18 -22.83
CA GLU B 132 3.23 -4.78 -22.80
C GLU B 132 3.80 -4.64 -21.39
N GLN B 133 3.67 -3.48 -20.74
CA GLN B 133 4.27 -3.21 -19.39
C GLN B 133 3.49 -4.02 -18.34
N ALA B 134 2.18 -4.14 -18.51
CA ALA B 134 1.30 -4.93 -17.61
C ALA B 134 1.72 -6.40 -17.65
N LYS B 135 2.21 -6.87 -18.80
CA LYS B 135 2.65 -8.27 -18.99
C LYS B 135 4.02 -8.46 -18.33
N LEU B 136 4.95 -7.53 -18.50
CA LEU B 136 6.30 -7.58 -17.89
C LEU B 136 6.16 -7.64 -16.38
N PHE B 137 5.32 -6.76 -15.83
CA PHE B 137 4.85 -6.77 -14.42
C PHE B 137 4.37 -8.19 -14.07
N CYS B 138 3.34 -8.69 -14.76
CA CYS B 138 2.68 -10.00 -14.51
C CYS B 138 3.69 -11.15 -14.49
N ARG B 139 4.66 -11.10 -15.41
CA ARG B 139 5.72 -12.13 -15.58
C ARG B 139 6.72 -12.02 -14.43
N THR B 140 7.23 -10.80 -14.19
CA THR B 140 8.31 -10.52 -13.20
C THR B 140 7.88 -10.95 -11.79
N LEU B 141 6.60 -10.78 -11.45
CA LEU B 141 6.09 -11.08 -10.08
C LEU B 141 6.31 -12.56 -9.76
N GLU B 142 6.35 -13.39 -10.80
CA GLU B 142 6.39 -14.88 -10.69
C GLU B 142 7.84 -15.31 -10.42
N GLU B 143 8.81 -14.72 -11.11
CA GLU B 143 10.26 -15.09 -10.97
C GLU B 143 10.75 -14.77 -9.56
N ILE B 144 10.35 -13.61 -9.01
CA ILE B 144 10.50 -13.21 -7.57
C ILE B 144 9.71 -14.21 -6.71
N LEU B 145 8.49 -14.55 -7.14
CA LEU B 145 7.52 -15.42 -6.43
C LEU B 145 8.05 -16.85 -6.32
N GLU B 146 8.73 -17.35 -7.34
CA GLU B 146 9.22 -18.76 -7.42
C GLU B 146 10.04 -19.06 -6.17
N ASP B 147 10.97 -18.16 -5.80
CA ASP B 147 12.06 -18.37 -4.82
C ASP B 147 11.53 -18.46 -3.37
N VAL B 148 10.34 -17.92 -3.10
CA VAL B 148 9.80 -17.76 -1.71
C VAL B 148 8.91 -18.95 -1.36
N PRO B 149 9.30 -19.80 -0.38
CA PRO B 149 8.59 -21.05 -0.09
C PRO B 149 7.07 -20.93 0.12
N GLU B 150 6.63 -19.93 0.88
CA GLU B 150 5.18 -19.63 1.12
C GLU B 150 4.45 -19.54 -0.23
N SER B 151 4.36 -18.32 -0.78
CA SER B 151 3.89 -17.93 -2.14
C SER B 151 2.84 -18.88 -2.74
N ARG B 152 3.29 -19.92 -3.45
CA ARG B 152 2.47 -20.73 -4.40
C ARG B 152 1.23 -21.29 -3.67
N ASN B 153 1.43 -21.89 -2.50
CA ASN B 153 0.34 -22.49 -1.68
C ASN B 153 -0.64 -21.42 -1.21
N ASN B 154 -0.20 -20.15 -1.21
CA ASN B 154 -0.84 -19.06 -0.40
C ASN B 154 -1.61 -18.09 -1.31
N CYS B 155 -1.15 -17.82 -2.52
CA CYS B 155 -1.86 -16.91 -3.46
C CYS B 155 -1.67 -17.31 -4.92
N ARG B 156 -2.57 -16.84 -5.76
CA ARG B 156 -2.65 -17.14 -7.21
C ARG B 156 -3.07 -15.88 -7.98
N LEU B 157 -2.38 -15.60 -9.08
CA LEU B 157 -2.67 -14.50 -10.02
C LEU B 157 -3.81 -14.92 -10.94
N ILE B 158 -4.85 -14.09 -11.09
CA ILE B 158 -5.90 -14.26 -12.13
C ILE B 158 -5.69 -13.15 -13.17
N VAL B 159 -5.07 -13.49 -14.30
CA VAL B 159 -4.67 -12.59 -15.41
C VAL B 159 -5.76 -12.61 -16.48
N TYR B 160 -6.18 -11.45 -17.01
CA TYR B 160 -7.31 -11.35 -17.98
C TYR B 160 -7.39 -9.97 -18.65
N GLN B 161 -7.88 -9.96 -19.89
CA GLN B 161 -8.08 -8.76 -20.74
C GLN B 161 -9.56 -8.64 -21.09
N GLU B 162 -10.28 -7.68 -20.53
CA GLU B 162 -11.71 -7.46 -20.89
C GLU B 162 -11.78 -7.02 -22.35
N PRO B 163 -12.75 -7.53 -23.13
CA PRO B 163 -13.02 -7.02 -24.47
C PRO B 163 -13.20 -5.50 -24.52
N THR B 164 -12.96 -4.89 -25.68
CA THR B 164 -12.97 -3.43 -25.94
C THR B 164 -14.26 -2.80 -25.37
N ASP B 165 -15.36 -3.56 -25.40
CA ASP B 165 -16.68 -3.20 -24.81
C ASP B 165 -16.55 -3.20 -23.28
N GLY B 166 -16.36 -4.40 -22.69
CA GLY B 166 -16.55 -4.66 -21.24
C GLY B 166 -17.69 -5.64 -21.05
N ASN B 167 -18.69 -5.61 -21.96
CA ASN B 167 -19.78 -6.62 -22.09
C ASN B 167 -19.29 -7.77 -22.99
N SER B 168 -20.07 -8.87 -23.03
CA SER B 168 -19.67 -10.19 -23.58
C SER B 168 -18.70 -10.89 -22.62
N PHE B 169 -18.39 -10.24 -21.49
CA PHE B 169 -17.42 -10.67 -20.45
C PHE B 169 -18.01 -10.39 -19.07
N SER B 170 -17.94 -11.39 -18.17
CA SER B 170 -18.31 -11.28 -16.73
C SER B 170 -17.13 -11.76 -15.88
N LEU B 171 -16.80 -11.04 -14.80
CA LEU B 171 -15.60 -11.29 -13.96
C LEU B 171 -15.86 -12.50 -13.04
N SER B 172 -17.10 -12.65 -12.57
CA SER B 172 -17.62 -13.84 -11.85
C SER B 172 -17.28 -15.12 -12.62
N GLN B 173 -17.57 -15.14 -13.92
CA GLN B 173 -17.29 -16.29 -14.81
C GLN B 173 -15.78 -16.56 -14.84
N GLU B 174 -14.97 -15.50 -14.96
CA GLU B 174 -13.49 -15.63 -14.99
C GLU B 174 -13.00 -16.22 -13.66
N VAL B 175 -13.50 -15.70 -12.53
CA VAL B 175 -13.11 -16.20 -11.17
C VAL B 175 -13.53 -17.67 -11.05
N LEU B 176 -14.80 -17.98 -11.30
CA LEU B 176 -15.36 -19.37 -11.20
C LEU B 176 -14.49 -20.36 -11.99
N ARG B 177 -14.01 -19.98 -13.19
CA ARG B 177 -13.27 -20.87 -14.12
C ARG B 177 -11.83 -21.08 -13.60
N HIS B 178 -11.33 -20.18 -12.75
CA HIS B 178 -9.99 -20.28 -12.11
C HIS B 178 -10.03 -21.28 -10.95
N ILE B 179 -11.03 -21.18 -10.07
CA ILE B 179 -11.21 -22.09 -8.89
C ILE B 179 -11.55 -23.50 -9.41
N ARG B 180 -12.46 -23.58 -10.38
CA ARG B 180 -12.94 -24.86 -10.97
C ARG B 180 -11.79 -25.59 -11.66
N GLN B 181 -10.95 -24.88 -12.43
CA GLN B 181 -9.82 -25.49 -13.18
C GLN B 181 -8.85 -26.13 -12.17
N GLU B 182 -8.50 -25.39 -11.13
CA GLU B 182 -7.48 -25.76 -10.11
C GLU B 182 -7.79 -27.15 -9.54
#